data_7Y7K
#
_entry.id   7Y7K
#
_cell.length_a   1.00
_cell.length_b   1.00
_cell.length_c   1.00
_cell.angle_alpha   90.00
_cell.angle_beta   90.00
_cell.angle_gamma   90.00
#
_symmetry.space_group_name_H-M   'P 1'
#
loop_
_entity.id
_entity.type
_entity.pdbx_description
1 polymer 'Spike protein S1'
2 polymer '1F VH'
3 polymer '1F VL'
#
loop_
_entity_poly.entity_id
_entity_poly.type
_entity_poly.pdbx_seq_one_letter_code
_entity_poly.pdbx_strand_id
1 'polypeptide(L)'
;CPFGEVFNATRFASVYAWNRKRISNCVADYSVLYNSASFSTFKCYGVSPTKLNDLCFTNVYADSFVIRGDEVRQIAPGQT
GKIADYNYKLPDDFTGCVIAWNSNNLDSKVGGNYNYLYRLFRKSNLKPFERDISTEIYQAGSTPCNGVEGFNCYFPLQSY
GFQPTNGVGYQPYRVVVLS
;
A
2 'polypeptide(L)'
;EVQLVESGPGLVKPSETLSLTCTVSGGSISSSSYYWGWIRQPPGKGLEWIGSIYYRGSTYYNPSLKSRVTISVDTSKNQF
SLKLSSVTAADTAVYYCARHVRSAYYYGSGSYRDEGNWFDPWGQGTLVTVSS
;
B
3 'polypeptide(L)'
;QSVLTQPPSVSGAPGQRVTISCTGTRSNIGAGHDVHWYQQLPGTAPKLLIYGNNNRPSGVPDRFSGAKSGTSASLAITGL
QAEDEADYYCQSYDRTLTSYVFGTGTKVTVL
;
C
#
# COMPACT_ATOMS: atom_id res chain seq x y z
N CYS A 1 1.01 40.03 22.50
CA CYS A 1 0.43 39.14 21.51
C CYS A 1 -0.23 37.95 22.14
N PRO A 2 -0.70 37.02 21.31
CA PRO A 2 -1.31 35.84 21.92
C PRO A 2 -0.54 34.58 21.64
N PHE A 3 0.79 34.62 21.74
CA PHE A 3 1.55 33.40 21.52
C PHE A 3 1.01 32.25 22.34
N GLY A 4 0.51 32.51 23.53
CA GLY A 4 -0.08 31.46 24.32
C GLY A 4 -1.31 30.89 23.64
N GLU A 5 -1.94 31.67 22.78
CA GLU A 5 -3.08 31.19 22.04
C GLU A 5 -2.63 30.31 20.90
N VAL A 6 -1.34 30.35 20.63
CA VAL A 6 -0.75 29.55 19.58
C VAL A 6 -0.05 28.35 20.18
N PHE A 7 0.57 28.56 21.34
CA PHE A 7 1.40 27.57 22.01
C PHE A 7 0.55 26.81 23.03
N ASN A 8 -0.05 27.55 23.98
CA ASN A 8 -0.97 26.94 24.91
C ASN A 8 -2.32 26.67 24.26
N ALA A 9 -2.37 26.65 22.93
CA ALA A 9 -3.60 26.46 22.17
C ALA A 9 -4.13 25.04 22.33
N THR A 10 -5.44 24.88 22.08
CA THR A 10 -6.11 23.61 22.26
C THR A 10 -5.96 22.66 21.07
N ARG A 11 -6.41 23.10 19.90
CA ARG A 11 -6.45 22.29 18.71
C ARG A 11 -5.43 22.74 17.69
N PHE A 12 -4.88 21.78 16.96
CA PHE A 12 -3.89 22.03 15.92
C PHE A 12 -4.45 21.50 14.62
N ALA A 13 -4.17 22.20 13.54
CA ALA A 13 -4.65 21.79 12.24
C ALA A 13 -3.80 20.69 11.63
N SER A 14 -4.46 19.84 10.85
CA SER A 14 -3.79 18.77 10.12
C SER A 14 -2.99 19.36 8.97
N VAL A 15 -2.02 18.59 8.48
CA VAL A 15 -1.05 19.18 7.57
C VAL A 15 -1.74 19.58 6.29
N TYR A 16 -2.77 18.83 5.90
CA TYR A 16 -3.47 19.20 4.69
C TYR A 16 -4.19 20.51 4.88
N ALA A 17 -4.64 20.78 6.10
CA ALA A 17 -5.34 22.02 6.37
C ALA A 17 -4.69 22.93 7.39
N TRP A 18 -3.42 23.26 7.18
CA TRP A 18 -2.66 24.02 8.16
C TRP A 18 -3.30 25.40 8.37
N ASN A 19 -2.94 26.03 9.48
CA ASN A 19 -3.60 27.25 9.93
C ASN A 19 -2.66 28.45 9.88
N ARG A 20 -3.00 29.45 9.06
CA ARG A 20 -2.23 30.70 8.96
C ARG A 20 -2.87 31.84 9.73
N LYS A 21 -2.06 32.49 10.56
CA LYS A 21 -2.46 33.66 11.34
C LYS A 21 -1.50 34.83 11.15
N ARG A 22 -2.02 36.02 10.86
CA ARG A 22 -1.17 37.21 10.75
C ARG A 22 -1.04 37.85 12.13
N ILE A 23 0.15 38.34 12.45
CA ILE A 23 0.43 38.92 13.76
C ILE A 23 1.22 40.21 13.66
N SER A 24 0.70 41.27 14.29
CA SER A 24 1.32 42.61 14.29
C SER A 24 0.76 43.44 15.46
N ASN A 25 1.55 44.42 15.91
CA ASN A 25 1.06 45.37 16.91
C ASN A 25 0.65 44.70 18.22
N CYS A 26 1.64 44.14 18.90
CA CYS A 26 1.39 43.48 20.18
C CYS A 26 2.71 43.27 20.89
N VAL A 27 2.63 42.91 22.16
CA VAL A 27 3.84 42.74 22.94
C VAL A 27 4.18 41.25 23.04
N ALA A 28 5.40 40.90 22.59
CA ALA A 28 5.96 39.55 22.56
C ALA A 28 7.31 39.48 23.29
N ASP A 29 7.57 38.44 24.06
CA ASP A 29 8.90 38.24 24.64
C ASP A 29 9.44 36.97 24.01
N TYR A 30 10.46 37.09 23.17
CA TYR A 30 10.87 35.86 22.50
C TYR A 30 11.79 34.93 23.30
N SER A 31 12.78 35.47 24.00
CA SER A 31 13.68 34.51 24.63
C SER A 31 13.05 33.72 25.75
N VAL A 32 11.87 34.10 26.18
CA VAL A 32 11.17 33.32 27.18
C VAL A 32 10.63 32.06 26.57
N LEU A 33 10.27 32.13 25.30
CA LEU A 33 9.62 31.00 24.67
C LEU A 33 10.66 30.11 24.03
N TYR A 34 11.61 30.67 23.30
CA TYR A 34 12.59 29.82 22.66
C TYR A 34 13.38 29.08 23.73
N ASN A 35 13.64 29.74 24.85
CA ASN A 35 14.28 29.14 26.00
C ASN A 35 13.33 28.48 26.98
N SER A 36 12.03 28.44 26.69
CA SER A 36 11.09 27.78 27.59
C SER A 36 11.36 26.29 27.69
N ALA A 37 12.04 25.73 26.70
CA ALA A 37 12.38 24.31 26.70
C ALA A 37 11.15 23.44 26.84
N SER A 38 10.12 23.81 26.10
CA SER A 38 8.86 23.09 26.10
C SER A 38 8.63 22.43 24.76
N PHE A 39 9.48 22.73 23.79
CA PHE A 39 9.34 22.26 22.43
C PHE A 39 10.44 21.27 22.10
N SER A 40 10.13 20.34 21.21
CA SER A 40 11.20 19.43 20.83
C SER A 40 12.10 20.01 19.76
N THR A 41 11.59 20.94 18.96
CA THR A 41 12.37 21.55 17.89
C THR A 41 12.05 23.02 17.76
N PHE A 42 13.07 23.85 17.74
CA PHE A 42 12.88 25.29 17.59
C PHE A 42 14.12 25.69 16.82
N LYS A 43 13.98 25.71 15.51
CA LYS A 43 15.06 25.96 14.59
C LYS A 43 14.70 27.15 13.74
N CYS A 44 15.60 28.11 13.67
CA CYS A 44 15.35 29.33 12.94
C CYS A 44 16.33 29.45 11.78
N TYR A 45 15.79 29.65 10.60
CA TYR A 45 16.56 29.74 9.37
C TYR A 45 16.42 31.19 8.92
N GLY A 46 17.54 31.80 8.61
CA GLY A 46 17.49 33.20 8.25
C GLY A 46 17.89 34.04 9.45
N VAL A 47 17.00 34.19 10.41
CA VAL A 47 17.31 34.98 11.59
C VAL A 47 17.99 34.14 12.63
N SER A 48 18.87 34.75 13.39
CA SER A 48 19.51 34.04 14.46
C SER A 48 18.50 33.82 15.57
N PRO A 49 18.36 32.59 16.06
CA PRO A 49 17.43 32.38 17.18
C PRO A 49 17.95 32.99 18.45
N THR A 50 19.26 33.11 18.55
CA THR A 50 19.84 33.54 19.81
C THR A 50 19.56 35.00 20.07
N LYS A 51 18.40 35.30 20.67
CA LYS A 51 18.16 36.63 21.22
C LYS A 51 18.30 37.69 20.13
N LEU A 52 17.64 37.47 19.03
CA LEU A 52 17.63 38.43 17.94
C LEU A 52 16.22 38.97 17.90
N ASN A 53 15.71 39.09 19.10
CA ASN A 53 14.50 39.77 19.52
C ASN A 53 14.66 41.25 19.62
N ASP A 54 15.67 41.83 19.01
CA ASP A 54 15.67 43.27 19.02
C ASP A 54 14.81 43.84 17.94
N LEU A 55 13.84 43.12 17.44
CA LEU A 55 13.05 43.68 16.37
C LEU A 55 11.55 43.67 16.63
N CYS A 56 10.86 44.51 15.87
CA CYS A 56 9.41 44.65 15.84
C CYS A 56 9.12 44.68 14.35
N PHE A 57 8.30 43.77 13.88
CA PHE A 57 8.01 43.75 12.46
C PHE A 57 6.61 44.13 12.05
N THR A 58 6.55 44.43 10.77
CA THR A 58 5.32 44.81 10.10
C THR A 58 4.37 43.62 10.04
N ASN A 59 4.84 42.44 9.60
CA ASN A 59 3.91 41.33 9.60
C ASN A 59 4.58 40.08 10.13
N VAL A 60 3.75 39.18 10.67
CA VAL A 60 4.15 37.87 11.15
C VAL A 60 3.21 36.79 10.64
N TYR A 61 3.72 35.80 9.93
CA TYR A 61 2.82 34.75 9.49
C TYR A 61 3.06 33.50 10.33
N ALA A 62 1.97 32.87 10.78
CA ALA A 62 2.07 31.64 11.56
C ALA A 62 1.30 30.51 10.90
N ASP A 63 2.01 29.48 10.47
CA ASP A 63 1.44 28.30 9.83
C ASP A 63 1.56 27.11 10.77
N SER A 64 0.43 26.54 11.17
CA SER A 64 0.39 25.45 12.13
C SER A 64 -0.03 24.18 11.41
N PHE A 65 0.58 23.06 11.78
CA PHE A 65 0.19 21.79 11.19
C PHE A 65 0.68 20.64 12.08
N VAL A 66 0.42 19.40 11.63
CA VAL A 66 0.73 18.20 12.39
C VAL A 66 1.49 17.20 11.54
N ILE A 67 2.60 16.66 12.09
CA ILE A 67 3.34 15.59 11.42
C ILE A 67 3.73 14.51 12.41
N ARG A 68 4.64 13.63 12.01
CA ARG A 68 5.21 12.67 12.95
C ARG A 68 6.70 12.93 13.07
N GLY A 69 7.31 12.41 14.15
CA GLY A 69 8.71 12.70 14.40
C GLY A 69 9.60 12.25 13.26
N ASP A 70 9.37 11.03 12.79
CA ASP A 70 10.10 10.48 11.65
C ASP A 70 10.08 11.41 10.45
N GLU A 71 9.08 12.25 10.37
CA GLU A 71 8.80 13.08 9.22
C GLU A 71 9.29 14.51 9.34
N VAL A 72 9.81 14.89 10.51
CA VAL A 72 10.24 16.27 10.75
C VAL A 72 11.34 16.71 9.79
N ARG A 73 12.26 15.84 9.43
CA ARG A 73 13.30 16.29 8.51
C ARG A 73 12.76 16.69 7.16
N GLN A 74 11.53 16.34 6.82
CA GLN A 74 11.06 16.79 5.53
C GLN A 74 10.34 18.12 5.63
N ILE A 75 9.98 18.54 6.84
CA ILE A 75 9.36 19.83 7.07
C ILE A 75 10.43 20.86 7.37
N ALA A 76 11.16 21.32 6.37
CA ALA A 76 12.28 22.20 6.65
C ALA A 76 12.60 23.00 5.42
N PRO A 77 13.25 24.15 5.58
CA PRO A 77 13.60 24.97 4.42
C PRO A 77 14.40 24.12 3.44
N GLY A 78 14.03 24.18 2.16
CA GLY A 78 14.80 23.54 1.13
C GLY A 78 14.96 22.07 1.43
N GLN A 79 13.86 21.44 1.79
CA GLN A 79 13.78 20.03 2.07
C GLN A 79 13.01 19.35 0.96
N THR A 80 13.33 18.09 0.72
CA THR A 80 12.75 17.37 -0.39
C THR A 80 12.18 16.07 0.14
N GLY A 81 11.05 15.66 -0.42
CA GLY A 81 10.36 14.47 0.03
C GLY A 81 8.87 14.55 -0.22
N LYS A 82 8.19 13.49 0.23
CA LYS A 82 6.77 13.31 -0.02
C LYS A 82 5.93 14.51 0.40
N ILE A 83 6.02 14.92 1.66
CA ILE A 83 5.13 15.98 2.14
C ILE A 83 5.37 17.26 1.38
N ALA A 84 6.64 17.64 1.22
CA ALA A 84 6.90 18.90 0.54
C ALA A 84 6.45 18.85 -0.90
N ASP A 85 6.73 17.75 -1.60
CA ASP A 85 6.37 17.73 -3.01
C ASP A 85 4.87 17.55 -3.21
N TYR A 86 4.20 16.90 -2.28
CA TYR A 86 2.84 16.47 -2.53
C TYR A 86 1.84 16.96 -1.50
N ASN A 87 2.28 17.53 -0.38
CA ASN A 87 1.32 17.83 0.68
C ASN A 87 1.39 19.28 1.09
N TYR A 88 2.58 19.74 1.47
CA TYR A 88 2.80 21.11 1.90
C TYR A 88 4.23 21.46 1.57
N LYS A 89 4.44 22.49 0.76
CA LYS A 89 5.78 22.82 0.33
C LYS A 89 6.13 24.21 0.81
N LEU A 90 7.31 24.32 1.26
CA LEU A 90 7.91 25.54 1.71
C LEU A 90 9.04 25.91 0.77
N PRO A 91 9.24 27.17 0.50
CA PRO A 91 10.33 27.54 -0.40
C PRO A 91 11.64 27.47 0.36
N ASP A 92 12.71 27.37 -0.43
CA ASP A 92 14.05 27.27 0.12
C ASP A 92 14.46 28.51 0.89
N ASP A 93 13.99 29.68 0.47
CA ASP A 93 14.35 30.93 1.14
C ASP A 93 13.42 31.25 2.31
N PHE A 94 13.35 30.33 3.25
CA PHE A 94 12.43 30.49 4.36
C PHE A 94 13.19 31.32 5.39
N THR A 95 12.72 32.54 5.61
CA THR A 95 13.29 33.42 6.62
C THR A 95 12.33 33.40 7.79
N GLY A 96 12.48 32.39 8.62
CA GLY A 96 11.53 32.20 9.68
C GLY A 96 12.03 31.20 10.68
N CYS A 97 11.10 30.65 11.42
CA CYS A 97 11.42 29.71 12.46
C CYS A 97 10.39 28.61 12.41
N VAL A 98 10.80 27.44 12.85
CA VAL A 98 9.93 26.30 13.01
C VAL A 98 10.03 25.77 14.43
N ILE A 99 8.89 25.61 15.08
CA ILE A 99 8.84 25.02 16.41
C ILE A 99 7.92 23.83 16.33
N ALA A 100 8.22 22.82 17.13
CA ALA A 100 7.42 21.62 17.12
C ALA A 100 7.65 20.87 18.40
N TRP A 101 6.60 20.27 18.91
CA TRP A 101 6.76 19.47 20.10
C TRP A 101 5.84 18.26 20.04
N ASN A 102 6.25 17.20 20.71
CA ASN A 102 5.46 15.98 20.70
C ASN A 102 4.21 16.22 21.51
N SER A 103 3.06 16.09 20.88
CA SER A 103 1.78 16.27 21.54
C SER A 103 0.99 14.97 21.60
N ASN A 104 1.69 13.86 21.72
CA ASN A 104 1.08 12.55 21.80
C ASN A 104 -0.04 12.54 22.83
N ASN A 105 0.17 13.12 23.96
CA ASN A 105 -0.81 13.06 25.01
C ASN A 105 -1.98 13.97 24.70
N LEU A 106 -1.82 14.86 23.73
CA LEU A 106 -2.83 15.86 23.42
C LEU A 106 -3.46 15.66 22.06
N ASP A 107 -2.78 14.96 21.16
CA ASP A 107 -3.29 14.75 19.81
C ASP A 107 -3.59 13.30 19.52
N SER A 108 -3.27 12.39 20.44
CA SER A 108 -3.68 11.00 20.34
C SER A 108 -5.08 10.86 20.90
N LYS A 109 -5.61 9.65 20.82
CA LYS A 109 -6.95 9.38 21.26
C LYS A 109 -7.10 7.89 21.34
N VAL A 110 -7.89 7.45 22.32
CA VAL A 110 -8.06 6.03 22.55
C VAL A 110 -8.70 5.41 21.33
N GLY A 111 -8.19 4.25 20.93
CA GLY A 111 -8.63 3.77 19.65
C GLY A 111 -7.97 4.46 18.48
N GLY A 112 -6.97 5.29 18.74
CA GLY A 112 -6.35 6.01 17.65
C GLY A 112 -7.04 7.35 17.54
N ASN A 113 -6.25 8.37 17.25
CA ASN A 113 -6.75 9.68 16.86
C ASN A 113 -6.52 9.84 15.37
N TYR A 114 -7.61 9.92 14.63
CA TYR A 114 -7.62 10.02 13.19
C TYR A 114 -8.04 11.41 12.72
N ASN A 115 -7.58 12.44 13.40
CA ASN A 115 -7.97 13.78 13.03
C ASN A 115 -7.03 14.43 12.03
N TYR A 116 -5.80 13.97 11.92
CA TYR A 116 -4.88 14.59 10.98
C TYR A 116 -4.87 13.89 9.63
N LEU A 117 -5.10 14.67 8.57
CA LEU A 117 -5.11 14.19 7.20
C LEU A 117 -3.88 14.76 6.49
N TYR A 118 -3.42 14.07 5.46
CA TYR A 118 -2.33 14.55 4.63
C TYR A 118 -2.64 14.36 3.16
N ARG A 119 -2.16 15.27 2.34
CA ARG A 119 -2.35 15.13 0.91
C ARG A 119 -1.36 14.08 0.40
N LEU A 120 -1.84 13.02 -0.24
CA LEU A 120 -0.93 11.99 -0.73
C LEU A 120 -0.74 12.04 -2.22
N PHE A 121 -1.60 12.72 -2.93
CA PHE A 121 -1.47 12.70 -4.37
C PHE A 121 -1.59 14.12 -4.87
N ARG A 122 -0.74 14.46 -5.82
CA ARG A 122 -0.90 15.74 -6.46
C ARG A 122 -0.12 15.73 -7.75
N LYS A 123 -0.67 16.41 -8.75
CA LYS A 123 -0.03 16.49 -10.03
C LYS A 123 1.23 17.33 -9.92
N SER A 124 1.22 18.32 -9.03
CA SER A 124 2.34 19.22 -8.89
C SER A 124 2.74 19.36 -7.43
N ASN A 125 3.72 20.24 -7.22
CA ASN A 125 4.22 20.59 -5.91
C ASN A 125 3.60 21.92 -5.49
N LEU A 126 3.66 22.19 -4.20
CA LEU A 126 2.97 23.36 -3.68
C LEU A 126 3.81 24.61 -3.87
N LYS A 127 3.23 25.58 -4.53
CA LYS A 127 3.83 26.85 -4.89
C LYS A 127 3.79 27.76 -3.67
N PRO A 128 4.84 27.78 -2.85
CA PRO A 128 4.79 28.45 -1.54
C PRO A 128 3.45 28.72 -0.86
N PHE A 129 3.19 27.88 0.16
CA PHE A 129 2.08 27.99 1.11
C PHE A 129 0.65 28.18 0.63
N GLU A 130 -0.04 27.04 0.49
CA GLU A 130 -1.44 26.86 0.10
C GLU A 130 -2.04 25.87 1.08
N ARG A 131 -3.37 25.69 1.10
CA ARG A 131 -3.93 24.71 2.04
C ARG A 131 -5.05 23.87 1.44
N ASP A 132 -5.43 22.82 2.18
CA ASP A 132 -6.42 21.81 1.78
C ASP A 132 -7.80 22.34 1.44
N ILE A 133 -7.92 23.13 0.41
CA ILE A 133 -9.24 23.65 0.14
C ILE A 133 -9.90 22.62 -0.75
N SER A 134 -9.54 22.62 -2.02
CA SER A 134 -10.08 21.65 -2.96
C SER A 134 -9.55 20.26 -2.69
N THR A 135 -10.43 19.36 -2.26
CA THR A 135 -10.01 18.02 -1.94
C THR A 135 -10.95 17.17 -2.79
N GLU A 136 -10.61 17.08 -4.05
CA GLU A 136 -11.34 16.35 -5.07
C GLU A 136 -10.74 14.96 -5.20
N ILE A 137 -10.92 14.37 -6.37
CA ILE A 137 -10.28 13.11 -6.68
C ILE A 137 -9.60 13.40 -8.01
N TYR A 138 -8.44 12.80 -8.21
CA TYR A 138 -7.67 13.07 -9.42
C TYR A 138 -7.30 11.76 -10.06
N GLN A 139 -7.34 11.70 -11.38
CA GLN A 139 -6.96 10.44 -11.95
C GLN A 139 -5.48 10.34 -11.66
N ALA A 140 -5.11 9.34 -10.91
CA ALA A 140 -3.71 9.15 -10.62
C ALA A 140 -3.49 7.78 -11.21
N GLY A 141 -3.98 7.61 -12.42
CA GLY A 141 -3.86 6.33 -13.06
C GLY A 141 -4.75 6.29 -14.29
N SER A 142 -4.19 5.71 -15.34
CA SER A 142 -4.78 5.52 -16.67
C SER A 142 -6.05 6.28 -17.05
N THR A 143 -7.23 5.98 -16.49
CA THR A 143 -8.46 6.60 -16.98
C THR A 143 -9.38 7.31 -16.00
N PRO A 144 -10.34 8.14 -16.54
CA PRO A 144 -11.27 8.94 -15.73
C PRO A 144 -11.87 8.32 -14.50
N CYS A 145 -12.04 9.13 -13.47
CA CYS A 145 -12.59 8.62 -12.23
C CYS A 145 -14.11 8.58 -12.28
N ASN A 146 -14.75 9.61 -12.83
CA ASN A 146 -16.20 9.70 -12.97
C ASN A 146 -16.94 9.25 -11.72
N GLY A 147 -16.55 9.77 -10.57
CA GLY A 147 -17.33 9.34 -9.44
C GLY A 147 -16.53 8.83 -8.26
N VAL A 148 -17.15 7.87 -7.57
CA VAL A 148 -16.64 7.14 -6.43
C VAL A 148 -15.14 6.91 -6.53
N GLU A 149 -14.40 7.26 -5.49
CA GLU A 149 -12.97 7.01 -5.50
C GLU A 149 -12.72 5.54 -5.82
N GLY A 150 -11.99 5.32 -6.90
CA GLY A 150 -11.75 3.97 -7.35
C GLY A 150 -10.51 3.83 -8.18
N PHE A 151 -10.54 2.79 -9.01
CA PHE A 151 -9.41 2.40 -9.82
C PHE A 151 -8.68 3.48 -10.58
N ASN A 152 -7.41 3.72 -10.20
CA ASN A 152 -6.56 4.71 -10.89
C ASN A 152 -7.14 6.11 -10.78
N CYS A 153 -7.66 6.46 -9.61
CA CYS A 153 -8.31 7.75 -9.43
C CYS A 153 -8.62 8.03 -7.97
N TYR A 154 -7.69 8.56 -7.18
CA TYR A 154 -7.99 8.70 -5.75
C TYR A 154 -7.96 10.08 -5.10
N PHE A 155 -8.06 10.06 -3.76
CA PHE A 155 -8.06 11.26 -2.92
C PHE A 155 -6.65 11.63 -2.50
N PRO A 156 -6.48 12.13 -1.25
CA PRO A 156 -5.10 12.49 -0.93
C PRO A 156 -4.62 11.46 0.09
N LEU A 157 -3.90 11.78 1.17
CA LEU A 157 -3.61 10.68 2.08
C LEU A 157 -4.70 10.52 3.13
N GLN A 158 -4.61 9.42 3.86
CA GLN A 158 -5.55 9.15 4.93
C GLN A 158 -5.29 9.97 6.16
N SER A 159 -5.70 9.36 7.26
CA SER A 159 -5.50 9.82 8.60
C SER A 159 -4.09 9.45 8.99
N TYR A 160 -3.59 10.10 10.00
CA TYR A 160 -2.36 9.64 10.61
C TYR A 160 -2.78 8.65 11.67
N GLY A 161 -2.01 7.59 11.83
CA GLY A 161 -2.48 6.66 12.83
C GLY A 161 -1.77 6.82 14.14
N PHE A 162 -2.15 7.92 14.81
CA PHE A 162 -1.50 8.39 16.02
C PHE A 162 -2.24 7.75 17.18
N GLN A 163 -1.91 6.52 17.40
CA GLN A 163 -2.29 5.83 18.62
C GLN A 163 -1.39 6.32 19.73
N PRO A 164 -1.89 6.35 20.96
CA PRO A 164 -1.05 6.89 22.02
C PRO A 164 0.11 5.97 22.31
N THR A 165 -0.02 4.68 22.05
CA THR A 165 1.08 3.76 22.29
C THR A 165 1.98 3.59 21.08
N ASN A 166 2.17 4.64 20.29
CA ASN A 166 3.03 4.51 19.14
C ASN A 166 4.49 4.79 19.49
N GLY A 167 5.38 4.31 18.64
CA GLY A 167 6.74 4.79 18.65
C GLY A 167 6.84 6.24 18.25
N VAL A 168 7.94 6.87 18.67
CA VAL A 168 8.10 8.30 18.46
C VAL A 168 8.13 8.63 16.98
N GLY A 169 8.78 7.78 16.18
CA GLY A 169 8.77 8.01 14.75
C GLY A 169 7.37 7.98 14.20
N TYR A 170 6.47 7.31 14.90
CA TYR A 170 5.07 7.18 14.54
C TYR A 170 4.16 8.06 15.38
N GLN A 171 4.76 9.01 16.28
CA GLN A 171 3.98 9.83 17.20
C GLN A 171 3.62 11.20 16.62
N PRO A 172 2.52 11.76 17.08
CA PRO A 172 2.09 13.08 16.61
C PRO A 172 2.97 14.22 17.11
N TYR A 173 3.24 15.17 16.25
CA TYR A 173 3.95 16.40 16.59
C TYR A 173 3.21 17.61 16.07
N ARG A 174 3.11 18.65 16.90
CA ARG A 174 2.52 19.91 16.49
C ARG A 174 3.61 20.87 16.10
N VAL A 175 3.42 21.53 14.97
CA VAL A 175 4.42 22.38 14.36
C VAL A 175 3.81 23.75 14.11
N VAL A 176 4.55 24.79 14.47
CA VAL A 176 4.16 26.17 14.24
C VAL A 176 5.33 26.87 13.56
N VAL A 177 5.09 27.42 12.37
CA VAL A 177 6.10 28.09 11.59
C VAL A 177 5.83 29.58 11.58
N LEU A 178 6.80 30.34 12.06
CA LEU A 178 6.72 31.80 12.17
C LEU A 178 7.59 32.49 11.13
N SER A 179 7.00 33.35 10.33
CA SER A 179 7.77 34.11 9.35
C SER A 179 7.72 35.58 9.70
N GLU B 1 0.76 -12.30 10.33
CA GLU B 1 0.02 -11.76 11.46
C GLU B 1 -1.36 -11.63 10.95
N VAL B 2 -1.43 -11.93 9.67
CA VAL B 2 -2.65 -11.90 8.91
C VAL B 2 -3.15 -13.32 8.83
N GLN B 3 -4.42 -13.52 9.11
CA GLN B 3 -4.89 -14.89 9.04
C GLN B 3 -6.20 -14.93 8.27
N LEU B 4 -6.29 -15.93 7.41
CA LEU B 4 -7.42 -16.24 6.56
C LEU B 4 -7.78 -17.69 6.77
N VAL B 5 -9.08 -17.99 6.77
CA VAL B 5 -9.51 -19.36 6.96
C VAL B 5 -10.72 -19.63 6.08
N GLU B 6 -10.59 -20.60 5.21
CA GLU B 6 -11.65 -20.98 4.30
C GLU B 6 -12.47 -22.07 4.96
N SER B 7 -13.78 -22.01 4.81
CA SER B 7 -14.63 -23.04 5.35
C SER B 7 -15.73 -23.38 4.35
N GLY B 8 -16.13 -24.66 4.35
CA GLY B 8 -17.20 -25.11 3.51
C GLY B 8 -17.37 -26.61 3.32
N PRO B 9 -18.40 -26.93 2.54
CA PRO B 9 -18.73 -28.32 2.19
C PRO B 9 -17.81 -28.89 1.12
N GLY B 10 -17.44 -30.16 1.29
CA GLY B 10 -16.56 -30.81 0.32
C GLY B 10 -17.24 -31.21 -0.99
N LEU B 11 -18.54 -31.42 -0.95
CA LEU B 11 -19.26 -31.83 -2.15
C LEU B 11 -20.44 -30.93 -2.49
N VAL B 12 -20.26 -30.15 -3.55
CA VAL B 12 -21.30 -29.25 -4.02
C VAL B 12 -21.80 -29.76 -5.36
N LYS B 13 -23.10 -29.98 -5.46
CA LYS B 13 -23.71 -30.48 -6.70
C LYS B 13 -23.45 -29.52 -7.86
N PRO B 14 -23.39 -30.06 -9.08
CA PRO B 14 -23.24 -29.23 -10.28
C PRO B 14 -24.51 -28.39 -10.52
N SER B 15 -24.34 -27.23 -11.15
CA SER B 15 -25.41 -26.27 -11.45
C SER B 15 -26.12 -25.73 -10.21
N GLU B 16 -25.32 -25.21 -9.28
CA GLU B 16 -25.81 -24.63 -8.03
C GLU B 16 -24.89 -23.48 -7.67
N THR B 17 -24.92 -23.04 -6.41
CA THR B 17 -24.06 -21.95 -6.00
C THR B 17 -23.45 -22.38 -4.67
N LEU B 18 -22.14 -22.34 -4.58
CA LEU B 18 -21.40 -22.69 -3.39
C LEU B 18 -20.96 -21.43 -2.67
N SER B 19 -21.13 -21.41 -1.36
CA SER B 19 -20.72 -20.25 -0.59
C SER B 19 -19.72 -20.78 0.42
N LEU B 20 -18.51 -20.29 0.31
CA LEU B 20 -17.38 -20.63 1.16
C LEU B 20 -17.02 -19.39 1.95
N THR B 21 -16.60 -19.57 3.19
CA THR B 21 -16.21 -18.46 4.05
C THR B 21 -14.69 -18.34 4.17
N CYS B 22 -14.22 -17.18 4.60
CA CYS B 22 -12.79 -16.94 4.76
C CYS B 22 -12.51 -15.91 5.86
N THR B 23 -12.76 -16.29 7.10
CA THR B 23 -12.56 -15.40 8.25
C THR B 23 -11.10 -14.97 8.35
N VAL B 24 -10.88 -13.68 8.57
CA VAL B 24 -9.54 -13.15 8.67
C VAL B 24 -9.40 -12.30 9.91
N SER B 25 -8.15 -12.00 10.20
CA SER B 25 -7.78 -11.16 11.32
C SER B 25 -6.47 -10.49 11.01
N GLY B 26 -6.27 -9.36 11.67
CA GLY B 26 -5.10 -8.52 11.53
C GLY B 26 -5.36 -7.33 10.66
N GLY B 27 -6.51 -7.29 10.02
CA GLY B 27 -6.88 -6.20 9.15
C GLY B 27 -8.38 -6.23 8.98
N SER B 28 -8.92 -5.10 8.53
CA SER B 28 -10.35 -4.98 8.31
C SER B 28 -10.59 -4.89 6.82
N ILE B 29 -11.67 -5.50 6.37
CA ILE B 29 -11.99 -5.50 4.95
C ILE B 29 -12.66 -4.18 4.65
N SER B 30 -12.60 -3.29 5.63
CA SER B 30 -13.12 -1.94 5.54
C SER B 30 -11.98 -0.98 5.33
N SER B 31 -10.76 -1.48 5.36
CA SER B 31 -9.61 -0.61 5.22
C SER B 31 -9.53 -0.14 3.78
N SER B 32 -9.22 1.14 3.64
CA SER B 32 -9.13 1.79 2.35
C SER B 32 -8.28 0.99 1.39
N SER B 33 -8.85 0.69 0.22
CA SER B 33 -8.25 -0.02 -0.91
C SER B 33 -8.02 -1.51 -0.66
N TYR B 34 -8.29 -2.04 0.53
CA TYR B 34 -8.12 -3.48 0.80
C TYR B 34 -9.00 -4.32 -0.12
N TYR B 35 -8.52 -5.52 -0.41
CA TYR B 35 -9.23 -6.41 -1.29
C TYR B 35 -9.27 -7.78 -0.66
N TRP B 36 -10.21 -8.57 -1.14
CA TRP B 36 -10.33 -9.95 -0.72
C TRP B 36 -10.57 -10.66 -2.04
N GLY B 37 -9.73 -11.65 -2.36
CA GLY B 37 -9.88 -12.36 -3.60
C GLY B 37 -9.98 -13.87 -3.43
N TRP B 38 -10.40 -14.48 -4.54
CA TRP B 38 -10.52 -15.91 -4.71
C TRP B 38 -9.71 -16.34 -5.93
N ILE B 39 -8.99 -17.45 -5.80
CA ILE B 39 -8.14 -18.00 -6.85
C ILE B 39 -8.32 -19.51 -6.85
N ARG B 40 -8.34 -20.14 -8.03
CA ARG B 40 -8.47 -21.59 -8.01
C ARG B 40 -7.24 -22.26 -8.60
N GLN B 41 -7.04 -23.51 -8.21
CA GLN B 41 -5.94 -24.34 -8.70
C GLN B 41 -6.36 -25.78 -8.97
N PRO B 42 -6.55 -26.14 -10.23
CA PRO B 42 -6.92 -27.49 -10.59
C PRO B 42 -5.81 -28.48 -10.30
N PRO B 43 -6.15 -29.76 -10.10
CA PRO B 43 -5.14 -30.78 -9.80
C PRO B 43 -3.90 -30.66 -10.63
N GLY B 44 -2.77 -30.45 -9.99
CA GLY B 44 -1.49 -30.38 -10.68
C GLY B 44 -1.44 -29.34 -11.78
N LYS B 45 -2.25 -28.31 -11.69
CA LYS B 45 -2.26 -27.28 -12.72
C LYS B 45 -2.01 -25.93 -12.07
N GLY B 46 -2.08 -24.89 -12.90
CA GLY B 46 -1.80 -23.57 -12.40
C GLY B 46 -2.92 -22.88 -11.67
N LEU B 47 -2.53 -21.74 -11.12
CA LEU B 47 -3.42 -20.89 -10.37
C LEU B 47 -4.33 -20.13 -11.31
N GLU B 48 -5.58 -19.95 -10.91
CA GLU B 48 -6.55 -19.24 -11.73
C GLU B 48 -7.24 -18.17 -10.91
N TRP B 49 -7.10 -16.91 -11.34
CA TRP B 49 -7.73 -15.81 -10.62
C TRP B 49 -9.23 -15.84 -10.80
N ILE B 50 -9.96 -15.68 -9.71
CA ILE B 50 -11.39 -15.75 -9.75
C ILE B 50 -12.02 -14.40 -9.43
N GLY B 51 -11.58 -13.76 -8.35
CA GLY B 51 -12.26 -12.52 -8.05
C GLY B 51 -11.67 -11.75 -6.89
N SER B 52 -12.14 -10.50 -6.76
CA SER B 52 -11.70 -9.63 -5.68
C SER B 52 -12.82 -8.63 -5.36
N ILE B 53 -12.88 -8.20 -4.10
CA ILE B 53 -13.88 -7.24 -3.66
C ILE B 53 -13.21 -5.94 -3.24
N TYR B 54 -13.96 -5.06 -2.60
CA TYR B 54 -13.44 -3.79 -2.15
C TYR B 54 -14.30 -3.19 -1.05
N TYR B 55 -13.65 -2.61 -0.04
CA TYR B 55 -14.36 -2.00 1.08
C TYR B 55 -15.35 -0.96 0.57
N ARG B 56 -15.32 -0.71 -0.73
CA ARG B 56 -16.21 0.26 -1.33
C ARG B 56 -17.28 -0.44 -2.12
N GLY B 57 -17.38 -1.75 -1.96
CA GLY B 57 -18.30 -2.61 -2.66
C GLY B 57 -17.95 -2.78 -4.12
N SER B 58 -16.84 -2.21 -4.59
CA SER B 58 -16.43 -2.46 -5.95
C SER B 58 -15.92 -3.89 -6.02
N THR B 59 -16.10 -4.52 -7.16
CA THR B 59 -15.65 -5.89 -7.26
C THR B 59 -15.33 -6.27 -8.68
N TYR B 60 -14.44 -7.25 -8.80
CA TYR B 60 -13.98 -7.76 -10.09
C TYR B 60 -13.98 -9.29 -10.14
N TYR B 61 -14.54 -9.79 -11.24
CA TYR B 61 -14.66 -11.20 -11.57
C TYR B 61 -13.97 -11.45 -12.89
N ASN B 62 -13.53 -12.68 -13.14
CA ASN B 62 -12.90 -13.00 -14.42
C ASN B 62 -13.98 -12.73 -15.44
N PRO B 63 -13.69 -11.85 -16.43
CA PRO B 63 -14.69 -11.45 -17.42
C PRO B 63 -15.40 -12.64 -18.00
N SER B 64 -14.64 -13.66 -18.35
CA SER B 64 -15.26 -14.84 -18.92
C SER B 64 -16.09 -15.60 -17.91
N LEU B 65 -15.85 -15.40 -16.63
CA LEU B 65 -16.60 -16.13 -15.62
C LEU B 65 -17.47 -15.25 -14.73
N LYS B 66 -17.48 -13.94 -14.96
CA LYS B 66 -18.25 -13.00 -14.14
C LYS B 66 -19.65 -13.47 -13.79
N SER B 67 -20.41 -13.90 -14.79
CA SER B 67 -21.79 -14.29 -14.55
C SER B 67 -21.92 -15.51 -13.67
N ARG B 68 -20.86 -16.28 -13.55
CA ARG B 68 -20.96 -17.46 -12.73
C ARG B 68 -20.28 -17.30 -11.39
N VAL B 69 -19.47 -16.25 -11.21
CA VAL B 69 -18.74 -16.02 -9.97
C VAL B 69 -19.45 -14.92 -9.16
N THR B 70 -19.43 -15.06 -7.83
CA THR B 70 -20.01 -14.08 -6.92
C THR B 70 -19.20 -14.00 -5.63
N ILE B 71 -18.81 -12.79 -5.25
CA ILE B 71 -18.04 -12.57 -4.03
C ILE B 71 -18.78 -11.61 -3.13
N SER B 72 -18.77 -11.86 -1.83
CA SER B 72 -19.48 -10.98 -0.92
C SER B 72 -18.61 -10.76 0.31
N VAL B 73 -18.87 -9.66 1.01
CA VAL B 73 -18.10 -9.33 2.21
C VAL B 73 -18.99 -9.08 3.42
N ASP B 74 -18.40 -9.27 4.61
CA ASP B 74 -19.05 -8.99 5.91
C ASP B 74 -18.01 -8.32 6.80
N THR B 75 -18.02 -6.99 6.74
CA THR B 75 -17.08 -6.18 7.52
C THR B 75 -17.19 -6.45 9.00
N SER B 76 -18.41 -6.66 9.49
CA SER B 76 -18.58 -6.84 10.93
C SER B 76 -17.81 -8.04 11.44
N LYS B 77 -17.75 -9.10 10.67
CA LYS B 77 -17.03 -10.28 11.11
C LYS B 77 -15.68 -10.39 10.44
N ASN B 78 -15.33 -9.43 9.58
CA ASN B 78 -14.07 -9.47 8.84
C ASN B 78 -13.96 -10.79 8.07
N GLN B 79 -14.98 -11.03 7.24
CA GLN B 79 -15.02 -12.25 6.46
C GLN B 79 -15.38 -11.98 5.01
N PHE B 80 -14.89 -12.86 4.15
CA PHE B 80 -15.13 -12.78 2.72
C PHE B 80 -15.70 -14.13 2.34
N SER B 81 -16.76 -14.11 1.56
CA SER B 81 -17.47 -15.29 1.11
C SER B 81 -17.39 -15.39 -0.41
N LEU B 82 -17.17 -16.61 -0.89
CA LEU B 82 -17.11 -16.87 -2.31
C LEU B 82 -18.23 -17.82 -2.68
N LYS B 83 -19.06 -17.37 -3.59
CA LYS B 83 -20.21 -18.06 -4.13
C LYS B 83 -19.93 -18.39 -5.59
N LEU B 84 -20.19 -19.62 -5.97
CA LEU B 84 -19.99 -20.06 -7.34
C LEU B 84 -21.28 -20.64 -7.87
N SER B 85 -21.79 -20.00 -8.91
CA SER B 85 -23.02 -20.44 -9.55
C SER B 85 -22.68 -21.36 -10.70
N SER B 86 -23.69 -22.08 -11.15
CA SER B 86 -23.58 -22.99 -12.27
C SER B 86 -22.29 -23.77 -12.20
N VAL B 87 -22.09 -24.43 -11.06
CA VAL B 87 -20.87 -25.19 -10.92
C VAL B 87 -20.93 -26.44 -11.79
N THR B 88 -19.76 -26.97 -12.11
CA THR B 88 -19.67 -28.19 -12.89
C THR B 88 -18.49 -28.98 -12.36
N ALA B 89 -18.46 -30.28 -12.68
CA ALA B 89 -17.32 -31.06 -12.23
C ALA B 89 -16.01 -30.46 -12.72
N ALA B 90 -16.08 -29.64 -13.79
CA ALA B 90 -14.92 -28.97 -14.32
C ALA B 90 -14.40 -27.91 -13.37
N ASP B 91 -15.27 -27.44 -12.49
CA ASP B 91 -14.93 -26.40 -11.55
C ASP B 91 -14.29 -26.97 -10.29
N THR B 92 -14.13 -28.28 -10.25
CA THR B 92 -13.51 -28.94 -9.11
C THR B 92 -12.10 -28.43 -8.99
N ALA B 93 -11.72 -28.04 -7.76
CA ALA B 93 -10.39 -27.45 -7.57
C ALA B 93 -10.11 -27.01 -6.14
N VAL B 94 -8.89 -26.54 -5.91
CA VAL B 94 -8.53 -26.00 -4.62
C VAL B 94 -8.73 -24.51 -4.68
N TYR B 95 -9.44 -24.00 -3.70
CA TYR B 95 -9.81 -22.60 -3.60
C TYR B 95 -8.98 -21.90 -2.55
N TYR B 96 -8.48 -20.73 -2.91
CA TYR B 96 -7.71 -19.93 -1.99
C TYR B 96 -8.38 -18.56 -1.90
N CYS B 97 -8.42 -18.01 -0.69
CA CYS B 97 -8.83 -16.63 -0.51
C CYS B 97 -7.57 -15.87 -0.12
N ALA B 98 -7.54 -14.58 -0.42
CA ALA B 98 -6.32 -13.86 -0.10
C ALA B 98 -6.64 -12.41 0.20
N ARG B 99 -5.80 -11.82 1.04
CA ARG B 99 -5.92 -10.44 1.49
C ARG B 99 -5.06 -9.54 0.64
N HIS B 100 -5.58 -8.35 0.36
CA HIS B 100 -4.89 -7.32 -0.40
C HIS B 100 -4.84 -6.12 0.54
N VAL B 101 -3.64 -5.68 0.91
CA VAL B 101 -3.50 -4.59 1.86
C VAL B 101 -3.56 -3.31 1.03
N ARG B 102 -4.55 -2.49 1.34
CA ARG B 102 -4.72 -1.22 0.65
C ARG B 102 -4.57 -1.44 -0.84
N SER B 103 -4.04 -0.53 -1.58
CA SER B 103 -3.93 -0.68 -3.02
C SER B 103 -2.79 -1.58 -3.41
N ALA B 104 -1.89 -1.05 -4.21
CA ALA B 104 -0.78 -1.86 -4.60
C ALA B 104 0.42 -1.49 -3.76
N TYR B 105 1.60 -1.91 -4.20
CA TYR B 105 2.80 -1.53 -3.53
C TYR B 105 2.73 -0.02 -3.75
N TYR B 106 2.44 0.73 -2.70
CA TYR B 106 2.27 2.17 -2.87
C TYR B 106 3.58 2.85 -3.23
N TYR B 107 4.65 2.40 -2.62
CA TYR B 107 5.97 2.84 -2.99
C TYR B 107 6.39 2.16 -4.28
N GLY B 108 6.78 2.97 -5.26
CA GLY B 108 7.10 2.51 -6.59
C GLY B 108 5.99 2.88 -7.54
N SER B 109 6.19 4.00 -8.23
CA SER B 109 5.28 4.63 -9.17
C SER B 109 4.14 5.30 -8.44
N GLY B 110 4.09 5.17 -7.14
CA GLY B 110 2.96 5.69 -6.40
C GLY B 110 1.81 4.77 -6.65
N SER B 111 2.09 3.47 -6.79
CA SER B 111 1.09 2.46 -7.14
C SER B 111 0.45 2.80 -8.46
N TYR B 112 1.18 3.47 -9.36
CA TYR B 112 0.53 3.86 -10.61
C TYR B 112 0.69 2.76 -11.65
N ARG B 113 0.13 1.59 -11.33
CA ARG B 113 0.14 0.40 -12.20
C ARG B 113 -0.99 -0.54 -11.80
N ASP B 114 -2.21 -0.05 -11.77
CA ASP B 114 -3.41 -0.80 -11.45
C ASP B 114 -3.35 -1.53 -10.12
N GLU B 115 -2.51 -2.55 -10.00
CA GLU B 115 -2.42 -3.23 -8.73
C GLU B 115 -1.01 -3.73 -8.47
N GLY B 116 0.01 -2.95 -8.80
CA GLY B 116 1.35 -3.49 -8.63
C GLY B 116 1.48 -4.83 -9.34
N ASN B 117 1.38 -5.90 -8.54
CA ASN B 117 1.39 -7.25 -9.08
C ASN B 117 0.37 -8.10 -8.35
N TRP B 118 0.38 -8.13 -7.01
CA TRP B 118 -0.54 -9.07 -6.39
C TRP B 118 -0.97 -8.65 -5.00
N PHE B 119 -1.25 -9.64 -4.15
CA PHE B 119 -1.70 -9.41 -2.77
C PHE B 119 -0.61 -9.63 -1.71
N ASP B 120 -0.96 -10.26 -0.59
CA ASP B 120 0.00 -10.53 0.48
C ASP B 120 -0.19 -11.85 1.24
N PRO B 121 -1.25 -11.94 2.07
CA PRO B 121 -1.55 -13.10 2.93
C PRO B 121 -2.47 -14.11 2.27
N TRP B 122 -2.01 -15.37 2.16
CA TRP B 122 -2.80 -16.40 1.52
C TRP B 122 -3.40 -17.30 2.59
N GLY B 123 -4.56 -17.87 2.32
CA GLY B 123 -5.13 -18.79 3.27
C GLY B 123 -4.54 -20.17 3.10
N GLN B 124 -4.91 -21.06 4.02
CA GLN B 124 -4.41 -22.42 3.94
C GLN B 124 -4.93 -23.13 2.70
N GLY B 125 -6.11 -22.75 2.24
CA GLY B 125 -6.78 -23.29 1.07
C GLY B 125 -7.76 -24.40 1.42
N THR B 126 -8.78 -24.53 0.59
CA THR B 126 -9.80 -25.55 0.76
C THR B 126 -10.05 -26.33 -0.52
N LEU B 127 -10.07 -27.66 -0.41
CA LEU B 127 -10.29 -28.52 -1.55
C LEU B 127 -11.79 -28.70 -1.73
N VAL B 128 -12.30 -28.37 -2.90
CA VAL B 128 -13.72 -28.48 -3.20
C VAL B 128 -13.88 -29.41 -4.38
N THR B 129 -14.72 -30.41 -4.21
CA THR B 129 -14.97 -31.38 -5.26
C THR B 129 -16.37 -31.17 -5.78
N VAL B 130 -16.50 -31.16 -7.11
CA VAL B 130 -17.78 -30.98 -7.77
C VAL B 130 -18.12 -32.23 -8.55
N SER B 131 -19.21 -32.87 -8.15
CA SER B 131 -19.68 -34.10 -8.79
C SER B 131 -21.12 -34.29 -8.40
N SER B 132 -21.87 -34.97 -9.26
CA SER B 132 -23.26 -35.23 -8.97
C SER B 132 -23.50 -36.70 -8.65
N GLN C 1 -1.63 -15.89 -24.09
CA GLN C 1 -2.67 -16.87 -23.85
C GLN C 1 -2.77 -17.08 -22.37
N SER C 2 -3.76 -17.84 -21.92
CA SER C 2 -4.14 -17.76 -20.52
C SER C 2 -3.25 -18.84 -19.92
N VAL C 3 -2.07 -18.41 -19.47
CA VAL C 3 -1.14 -19.12 -18.60
C VAL C 3 0.15 -18.42 -18.99
N LEU C 4 1.05 -18.17 -18.07
CA LEU C 4 2.35 -17.80 -18.59
C LEU C 4 3.04 -19.11 -18.90
N THR C 5 3.84 -19.12 -19.95
CA THR C 5 4.46 -20.35 -20.38
C THR C 5 5.89 -20.41 -19.87
N GLN C 6 6.17 -21.46 -19.13
CA GLN C 6 7.43 -21.88 -18.58
C GLN C 6 7.80 -23.25 -19.12
N PRO C 7 9.08 -23.55 -19.20
CA PRO C 7 9.50 -24.92 -19.43
C PRO C 7 9.05 -25.76 -18.25
N PRO C 8 8.45 -26.93 -18.47
CA PRO C 8 7.77 -27.63 -17.38
C PRO C 8 8.66 -28.02 -16.22
N SER C 9 9.97 -28.11 -16.43
CA SER C 9 10.83 -28.36 -15.29
C SER C 9 12.19 -27.74 -15.54
N VAL C 10 12.88 -27.46 -14.45
CA VAL C 10 14.25 -26.98 -14.44
C VAL C 10 14.88 -27.66 -13.23
N SER C 11 16.10 -28.19 -13.42
CA SER C 11 16.74 -29.01 -12.41
C SER C 11 18.20 -28.62 -12.18
N GLY C 12 18.76 -29.20 -11.14
CA GLY C 12 20.20 -29.16 -10.93
C GLY C 12 20.56 -29.82 -9.62
N ALA C 13 21.85 -29.97 -9.43
CA ALA C 13 22.46 -30.56 -8.24
C ALA C 13 22.75 -29.47 -7.23
N PRO C 14 22.83 -29.80 -5.94
CA PRO C 14 23.03 -28.75 -4.92
C PRO C 14 24.26 -27.89 -5.19
N GLY C 15 24.04 -26.58 -5.26
CA GLY C 15 25.07 -25.62 -5.60
C GLY C 15 25.06 -25.14 -7.03
N GLN C 16 24.32 -25.80 -7.92
CA GLN C 16 24.27 -25.32 -9.29
C GLN C 16 23.41 -24.06 -9.40
N ARG C 17 23.57 -23.37 -10.51
CA ARG C 17 22.68 -22.29 -10.92
C ARG C 17 21.56 -22.88 -11.77
N VAL C 18 20.32 -22.65 -11.38
CA VAL C 18 19.17 -23.12 -12.15
C VAL C 18 18.34 -21.90 -12.55
N THR C 19 18.04 -21.78 -13.85
CA THR C 19 17.22 -20.68 -14.32
C THR C 19 15.93 -21.22 -14.91
N ILE C 20 14.89 -20.40 -14.79
CA ILE C 20 13.54 -20.73 -15.24
C ILE C 20 13.04 -19.63 -16.17
N SER C 21 12.63 -20.01 -17.37
CA SER C 21 12.10 -19.03 -18.30
C SER C 21 10.59 -18.97 -18.17
N CYS C 22 10.00 -17.90 -18.70
CA CYS C 22 8.61 -17.57 -18.45
C CYS C 22 8.06 -16.75 -19.61
N THR C 23 7.26 -17.37 -20.46
CA THR C 23 6.84 -16.77 -21.73
C THR C 23 5.41 -16.28 -21.65
N GLY C 24 5.20 -15.01 -21.95
CA GLY C 24 3.91 -14.39 -21.83
C GLY C 24 3.48 -13.76 -23.14
N THR C 25 2.63 -12.74 -23.10
CA THR C 25 2.25 -11.99 -24.30
C THR C 25 2.47 -10.49 -24.09
N ARG C 26 2.20 -9.77 -25.18
CA ARG C 26 2.24 -8.30 -25.20
C ARG C 26 1.45 -7.72 -24.05
N SER C 27 0.33 -8.36 -23.73
CA SER C 27 -0.63 -7.82 -22.80
C SER C 27 -0.23 -8.08 -21.37
N ASN C 28 0.64 -9.06 -21.13
CA ASN C 28 1.12 -9.26 -19.78
C ASN C 28 2.60 -8.93 -19.67
N ILE C 29 3.46 -9.86 -20.09
CA ILE C 29 4.89 -9.64 -19.96
C ILE C 29 5.37 -8.48 -20.85
N GLY C 30 4.83 -8.38 -22.07
CA GLY C 30 5.24 -7.30 -22.93
C GLY C 30 4.88 -5.88 -22.54
N ALA C 31 3.71 -5.44 -22.97
CA ALA C 31 3.19 -4.11 -22.67
C ALA C 31 2.30 -4.13 -21.45
N GLY C 32 2.34 -5.20 -20.68
CA GLY C 32 1.51 -5.32 -19.51
C GLY C 32 1.79 -4.55 -18.25
N HIS C 33 1.56 -5.24 -17.13
CA HIS C 33 1.69 -4.70 -15.78
C HIS C 33 2.64 -5.58 -14.97
N ASP C 34 3.96 -5.36 -15.12
CA ASP C 34 5.08 -5.98 -14.40
C ASP C 34 4.92 -7.42 -13.89
N VAL C 35 6.03 -8.12 -13.73
CA VAL C 35 6.01 -9.53 -13.39
C VAL C 35 6.50 -9.77 -11.97
N HIS C 36 5.76 -10.58 -11.24
CA HIS C 36 6.09 -11.03 -9.90
C HIS C 36 6.47 -12.51 -10.03
N TRP C 37 7.28 -12.99 -9.09
CA TRP C 37 7.64 -14.40 -8.96
C TRP C 37 7.27 -14.95 -7.59
N TYR C 38 6.79 -16.20 -7.54
CA TYR C 38 6.48 -16.84 -6.26
C TYR C 38 7.27 -18.13 -6.11
N GLN C 39 7.69 -18.35 -4.87
CA GLN C 39 8.33 -19.56 -4.41
C GLN C 39 7.33 -20.29 -3.53
N GLN C 40 7.06 -21.56 -3.81
CA GLN C 40 6.06 -22.23 -2.98
C GLN C 40 6.24 -23.73 -2.83
N LEU C 41 6.44 -24.15 -1.58
CA LEU C 41 6.57 -25.56 -1.31
C LEU C 41 5.31 -26.31 -1.67
N PRO C 42 5.43 -27.35 -2.47
CA PRO C 42 4.25 -28.06 -3.03
C PRO C 42 3.19 -28.37 -1.99
N GLY C 43 1.95 -28.01 -2.31
CA GLY C 43 0.82 -28.20 -1.43
C GLY C 43 0.70 -27.18 -0.33
N THR C 44 1.67 -26.29 -0.18
CA THR C 44 1.65 -25.28 0.86
C THR C 44 1.36 -23.92 0.24
N ALA C 45 0.92 -23.01 1.11
CA ALA C 45 0.61 -21.65 0.69
C ALA C 45 1.82 -21.11 -0.07
N PRO C 46 1.63 -20.53 -1.25
CA PRO C 46 2.74 -19.85 -1.89
C PRO C 46 3.20 -18.67 -1.06
N LYS C 47 4.35 -18.15 -1.47
CA LYS C 47 4.98 -16.99 -0.87
C LYS C 47 5.51 -16.11 -1.96
N LEU C 48 5.21 -14.82 -1.88
CA LEU C 48 5.77 -13.91 -2.87
C LEU C 48 7.28 -13.92 -2.73
N LEU C 49 7.95 -14.16 -3.86
CA LEU C 49 9.39 -14.27 -3.93
C LEU C 49 10.03 -13.06 -4.59
N ILE C 50 9.42 -12.56 -5.63
CA ILE C 50 9.89 -11.38 -6.35
C ILE C 50 8.67 -10.52 -6.62
N TYR C 51 8.74 -9.25 -6.28
CA TYR C 51 7.68 -8.34 -6.66
C TYR C 51 8.22 -7.27 -7.59
N GLY C 52 7.31 -6.68 -8.36
CA GLY C 52 7.62 -5.61 -9.27
C GLY C 52 8.83 -5.89 -10.14
N ASN C 53 8.79 -7.02 -10.85
CA ASN C 53 9.84 -7.45 -11.75
C ASN C 53 11.10 -7.86 -10.99
N ASN C 54 11.52 -7.05 -10.02
CA ASN C 54 12.86 -7.14 -9.48
C ASN C 54 12.98 -6.88 -7.99
N ASN C 55 11.89 -6.59 -7.29
CA ASN C 55 11.97 -6.45 -5.84
C ASN C 55 11.98 -7.82 -5.19
N ARG C 56 12.62 -7.87 -4.04
CA ARG C 56 12.61 -9.06 -3.28
C ARG C 56 11.94 -8.78 -1.94
N PRO C 57 11.00 -9.61 -1.53
CA PRO C 57 10.56 -9.58 -0.14
C PRO C 57 11.72 -10.04 0.72
N SER C 58 11.73 -9.57 1.95
CA SER C 58 12.81 -9.90 2.86
C SER C 58 12.76 -11.38 3.17
N GLY C 59 13.92 -12.03 3.09
CA GLY C 59 14.02 -13.47 3.20
C GLY C 59 14.39 -14.18 1.92
N VAL C 60 14.15 -13.59 0.75
CA VAL C 60 14.61 -14.24 -0.48
C VAL C 60 16.10 -14.00 -0.70
N PRO C 61 16.88 -15.08 -0.79
CA PRO C 61 18.31 -14.93 -1.06
C PRO C 61 18.59 -14.05 -2.28
N ASP C 62 19.63 -13.23 -2.15
CA ASP C 62 20.03 -12.32 -3.21
C ASP C 62 20.35 -13.07 -4.49
N ARG C 63 20.56 -14.39 -4.40
CA ARG C 63 20.96 -15.19 -5.55
C ARG C 63 19.79 -15.51 -6.47
N PHE C 64 18.57 -15.17 -6.08
CA PHE C 64 17.43 -15.26 -6.96
C PHE C 64 17.30 -13.89 -7.60
N SER C 65 17.36 -13.84 -8.92
CA SER C 65 17.18 -12.61 -9.66
C SER C 65 16.16 -12.81 -10.76
N GLY C 66 15.51 -11.75 -11.17
CA GLY C 66 14.57 -11.80 -12.26
C GLY C 66 14.98 -10.85 -13.38
N ALA C 67 14.55 -11.17 -14.58
CA ALA C 67 14.77 -10.33 -15.74
C ALA C 67 13.57 -10.45 -16.65
N LYS C 68 13.28 -9.37 -17.36
CA LYS C 68 12.19 -9.35 -18.33
C LYS C 68 12.67 -8.63 -19.57
N SER C 69 12.15 -9.08 -20.71
CA SER C 69 12.36 -8.40 -21.98
C SER C 69 11.31 -8.87 -22.96
N GLY C 70 10.65 -7.91 -23.58
CA GLY C 70 9.59 -8.23 -24.52
C GLY C 70 8.50 -8.97 -23.80
N THR C 71 8.10 -10.12 -24.33
CA THR C 71 7.09 -10.93 -23.70
C THR C 71 7.68 -12.13 -22.98
N SER C 72 9.00 -12.15 -22.70
CA SER C 72 9.57 -13.25 -21.94
C SER C 72 10.44 -12.76 -20.79
N ALA C 73 10.45 -13.54 -19.71
CA ALA C 73 11.17 -13.23 -18.48
C ALA C 73 11.82 -14.49 -17.96
N SER C 74 12.83 -14.34 -17.10
CA SER C 74 13.39 -15.51 -16.45
C SER C 74 13.75 -15.16 -15.02
N LEU C 75 13.76 -16.19 -14.18
CA LEU C 75 14.33 -16.14 -12.84
C LEU C 75 15.57 -17.00 -12.81
N ALA C 76 16.66 -16.46 -12.27
CA ALA C 76 17.88 -17.22 -12.04
C ALA C 76 18.17 -17.39 -10.56
N ILE C 77 18.38 -18.64 -10.13
CA ILE C 77 18.82 -18.96 -8.79
C ILE C 77 20.24 -19.51 -8.89
N THR C 78 21.21 -18.70 -8.48
CA THR C 78 22.63 -18.85 -8.82
C THR C 78 23.39 -19.50 -7.66
N GLY C 79 23.41 -20.83 -7.64
CA GLY C 79 23.91 -21.51 -6.47
C GLY C 79 22.82 -22.12 -5.61
N LEU C 80 22.20 -23.12 -6.21
CA LEU C 80 21.12 -23.88 -5.59
C LEU C 80 21.52 -24.38 -4.22
N GLN C 81 20.68 -24.08 -3.24
CA GLN C 81 20.86 -24.48 -1.86
C GLN C 81 19.72 -25.39 -1.46
N ALA C 82 19.91 -26.08 -0.33
CA ALA C 82 18.89 -27.03 0.11
C ALA C 82 17.53 -26.37 0.24
N GLU C 83 17.51 -25.06 0.54
CA GLU C 83 16.23 -24.40 0.73
C GLU C 83 15.48 -24.27 -0.58
N ASP C 84 16.19 -24.38 -1.68
CA ASP C 84 15.64 -24.18 -3.00
C ASP C 84 14.85 -25.38 -3.51
N GLU C 85 14.67 -26.42 -2.71
CA GLU C 85 13.81 -27.50 -3.19
C GLU C 85 12.36 -27.09 -3.03
N ALA C 86 11.82 -26.45 -4.06
CA ALA C 86 10.42 -26.06 -4.09
C ALA C 86 9.90 -26.04 -5.52
N ASP C 87 8.62 -25.69 -5.65
CA ASP C 87 8.02 -25.24 -6.90
C ASP C 87 8.23 -23.75 -7.08
N TYR C 88 8.33 -23.30 -8.33
CA TYR C 88 8.44 -21.88 -8.60
C TYR C 88 7.48 -21.47 -9.70
N TYR C 89 6.70 -20.41 -9.47
CA TYR C 89 5.78 -19.87 -10.48
C TYR C 89 6.09 -18.42 -10.80
N CYS C 90 5.99 -18.06 -12.08
CA CYS C 90 5.92 -16.65 -12.47
C CYS C 90 4.47 -16.19 -12.66
N GLN C 91 4.30 -14.87 -12.59
CA GLN C 91 2.97 -14.28 -12.68
C GLN C 91 3.08 -12.85 -13.18
N SER C 92 2.04 -12.39 -13.87
CA SER C 92 2.00 -11.05 -14.46
C SER C 92 0.56 -10.73 -14.88
N TYR C 93 0.18 -9.46 -14.78
CA TYR C 93 -1.14 -9.04 -15.25
C TYR C 93 -1.25 -8.88 -16.76
N ASP C 94 -2.29 -9.48 -17.33
CA ASP C 94 -2.60 -9.46 -18.76
C ASP C 94 -3.77 -8.52 -19.03
N ARG C 95 -3.47 -7.43 -19.74
CA ARG C 95 -4.45 -6.41 -20.07
C ARG C 95 -5.50 -6.96 -21.03
N THR C 96 -5.15 -7.95 -21.85
CA THR C 96 -6.14 -8.45 -22.79
C THR C 96 -7.16 -9.27 -22.03
N LEU C 97 -6.71 -10.15 -21.15
CA LEU C 97 -7.70 -10.89 -20.40
C LEU C 97 -8.19 -10.08 -19.22
N THR C 98 -7.51 -8.98 -18.93
CA THR C 98 -7.69 -8.26 -17.68
C THR C 98 -7.72 -9.26 -16.54
N SER C 99 -6.65 -10.04 -16.48
CA SER C 99 -6.48 -11.03 -15.44
C SER C 99 -5.02 -11.14 -15.06
N TYR C 100 -4.76 -11.54 -13.85
CA TYR C 100 -3.40 -11.76 -13.45
C TYR C 100 -3.09 -13.23 -13.71
N VAL C 101 -2.15 -13.49 -14.62
CA VAL C 101 -1.88 -14.78 -15.24
C VAL C 101 -0.59 -15.33 -14.66
N PHE C 102 -0.66 -16.56 -14.14
CA PHE C 102 0.47 -17.32 -13.62
C PHE C 102 1.26 -18.14 -14.66
N GLY C 103 2.56 -18.39 -14.33
CA GLY C 103 3.38 -19.33 -15.07
C GLY C 103 3.08 -20.79 -14.75
N THR C 104 3.51 -21.70 -15.63
CA THR C 104 3.18 -23.10 -15.40
C THR C 104 3.97 -23.75 -14.27
N GLY C 105 5.10 -23.19 -13.89
CA GLY C 105 5.76 -23.60 -12.65
C GLY C 105 6.81 -24.69 -12.84
N THR C 106 7.79 -24.67 -11.93
CA THR C 106 8.94 -25.56 -11.96
C THR C 106 9.22 -26.14 -10.57
N LYS C 107 9.37 -27.47 -10.46
CA LYS C 107 9.85 -28.11 -9.22
C LYS C 107 11.35 -28.38 -9.26
N VAL C 108 12.07 -27.97 -8.21
CA VAL C 108 13.50 -28.23 -8.07
C VAL C 108 13.79 -29.37 -7.10
N THR C 109 14.76 -30.25 -7.45
CA THR C 109 15.35 -31.23 -6.55
C THR C 109 16.85 -31.03 -6.56
N VAL C 110 17.48 -30.97 -5.39
CA VAL C 110 18.94 -30.83 -5.26
C VAL C 110 19.62 -32.19 -5.40
N LEU C 111 20.18 -32.46 -6.60
CA LEU C 111 20.68 -33.80 -6.97
C LEU C 111 21.90 -34.25 -6.14
#